data_4EQI
#
_entry.id   4EQI
#
_cell.length_a   42.330
_cell.length_b   85.430
_cell.length_c   70.280
_cell.angle_alpha   90.00
_cell.angle_beta   103.27
_cell.angle_gamma   90.00
#
_symmetry.space_group_name_H-M   'P 1 21 1'
#
loop_
_entity.id
_entity.type
_entity.pdbx_description
1 polymer 'Carbapenem-hydrolizing beta-lactamase SFC-1'
2 non-polymer 1,2-ETHANEDIOL
3 non-polymer 'SODIUM ION'
4 water water
#
_entity_poly.entity_id   1
_entity_poly.type   'polypeptide(L)'
_entity_poly.pdbx_seq_one_letter_code
;ASQPPQVTVDKLKRLENDFGGRIGVYAIDTGSNKTFGYRANERFPLCSSFKGFLAAAVLSKSQQQEGLLNQRIRYDNRVM
EPHSPVTEKQITTGMTVAELSAATLQYSDNGAANLLLEKLIGGPEGMTSFMRSIGDNVFRLDRWELELNSAIPGDDRDTS
TPKAVAESMQKLAFGNVLGLTERHQLMDWFKGNTTGGARIRASVPANWVVGDKTGTCGVYGTANDYAVIWPVAHAPIVLA
VYTSKPDRNSKHSDAVIADASRIVLESFNIDALRMATGKSIGF
;
_entity_poly.pdbx_strand_id   A,B
#
# COMPACT_ATOMS: atom_id res chain seq x y z
N SER A 2 6.07 -0.40 31.35
CA SER A 2 4.74 -0.85 30.99
C SER A 2 3.85 0.20 31.67
N GLN A 3 3.23 1.05 30.83
CA GLN A 3 2.32 2.05 31.38
CA GLN A 3 2.30 2.06 31.35
C GLN A 3 1.13 1.30 31.96
N PRO A 4 0.85 1.49 33.23
CA PRO A 4 -0.28 0.75 33.81
C PRO A 4 -1.56 1.11 33.06
N PRO A 5 -2.34 0.10 32.72
CA PRO A 5 -3.59 0.33 31.99
C PRO A 5 -4.47 1.34 32.71
N GLN A 6 -4.49 1.41 34.04
CA GLN A 6 -5.31 2.37 34.76
CA GLN A 6 -5.39 2.37 34.66
C GLN A 6 -4.91 3.78 34.40
N VAL A 7 -3.63 3.98 34.11
CA VAL A 7 -3.17 5.33 33.74
C VAL A 7 -3.78 5.75 32.42
N THR A 8 -3.74 4.85 31.45
CA THR A 8 -4.35 5.04 30.14
C THR A 8 -5.85 5.26 30.25
N VAL A 9 -6.53 4.43 31.03
CA VAL A 9 -7.95 4.63 31.25
C VAL A 9 -8.23 6.00 31.82
N ASP A 10 -7.48 6.44 32.85
CA ASP A 10 -7.81 7.76 33.43
C ASP A 10 -7.53 8.90 32.47
N LYS A 11 -6.55 8.75 31.57
CA LYS A 11 -6.35 9.79 30.57
CA LYS A 11 -6.34 9.77 30.55
C LYS A 11 -7.55 9.87 29.64
N LEU A 12 -8.14 8.73 29.28
CA LEU A 12 -9.31 8.73 28.42
C LEU A 12 -10.53 9.25 29.14
N LYS A 13 -10.66 8.98 30.43
CA LYS A 13 -11.81 9.52 31.19
C LYS A 13 -11.71 11.02 31.21
N ARG A 14 -10.51 11.58 31.42
CA ARG A 14 -10.42 13.05 31.43
C ARG A 14 -10.77 13.60 30.06
N LEU A 15 -10.29 12.92 29.02
CA LEU A 15 -10.57 13.37 27.66
C LEU A 15 -12.05 13.35 27.36
N GLU A 16 -12.71 12.24 27.72
CA GLU A 16 -14.14 12.21 27.39
C GLU A 16 -14.93 13.17 28.26
N ASN A 17 -14.50 13.42 29.48
CA ASN A 17 -15.18 14.42 30.27
C ASN A 17 -15.07 15.83 29.67
N ASP A 18 -13.87 16.17 29.21
CA ASP A 18 -13.66 17.44 28.56
CA ASP A 18 -13.71 17.49 28.60
C ASP A 18 -14.49 17.54 27.28
N PHE A 19 -14.56 16.47 26.52
CA PHE A 19 -15.34 16.41 25.27
C PHE A 19 -16.81 16.49 25.50
N GLY A 20 -17.28 16.12 26.69
CA GLY A 20 -18.69 16.14 27.01
C GLY A 20 -19.49 14.93 26.56
N GLY A 21 -18.81 13.78 26.40
CA GLY A 21 -19.45 12.58 25.86
C GLY A 21 -18.72 11.31 26.20
N ARG A 22 -18.89 10.31 25.35
CA ARG A 22 -18.34 8.98 25.50
C ARG A 22 -17.30 8.74 24.40
N ILE A 23 -16.18 8.15 24.80
CA ILE A 23 -15.16 7.74 23.84
C ILE A 23 -14.92 6.26 24.10
N GLY A 24 -15.01 5.47 23.06
CA GLY A 24 -14.70 4.07 23.16
C GLY A 24 -13.60 3.67 22.24
N VAL A 25 -12.68 2.81 22.74
CA VAL A 25 -11.48 2.50 21.98
C VAL A 25 -11.16 1.01 22.12
N TYR A 26 -10.54 0.42 21.11
CA TYR A 26 -9.93 -0.91 21.25
C TYR A 26 -8.75 -0.96 20.31
N ALA A 27 -7.65 -1.47 20.81
CA ALA A 27 -6.43 -1.62 20.00
C ALA A 27 -5.79 -2.98 20.25
N ILE A 28 -5.19 -3.49 19.17
CA ILE A 28 -4.49 -4.77 19.15
C ILE A 28 -3.10 -4.61 18.57
N ASP A 29 -2.08 -5.03 19.28
CA ASP A 29 -0.75 -5.13 18.67
C ASP A 29 -0.65 -6.45 17.94
N THR A 30 -0.49 -6.48 16.62
CA THR A 30 -0.57 -7.76 15.94
C THR A 30 0.69 -8.58 16.12
N GLY A 31 1.77 -8.05 16.66
CA GLY A 31 2.95 -8.90 16.92
C GLY A 31 2.88 -9.51 18.31
N SER A 32 2.62 -8.72 19.35
CA SER A 32 2.57 -9.22 20.72
C SER A 32 1.24 -9.76 21.21
N ASN A 33 0.16 -9.47 20.52
CA ASN A 33 -1.22 -9.69 20.92
C ASN A 33 -1.58 -8.92 22.18
N LYS A 34 -0.81 -7.89 22.56
CA LYS A 34 -1.25 -6.97 23.59
C LYS A 34 -2.51 -6.23 23.11
N THR A 35 -3.48 -6.04 24.01
CA THR A 35 -4.69 -5.29 23.66
C THR A 35 -4.96 -4.26 24.74
N PHE A 36 -5.75 -3.27 24.34
CA PHE A 36 -6.22 -2.25 25.26
C PHE A 36 -7.64 -1.85 24.84
N GLY A 37 -8.52 -1.75 25.83
CA GLY A 37 -9.86 -1.28 25.59
C GLY A 37 -10.38 -0.37 26.66
N TYR A 38 -11.27 0.52 26.28
CA TYR A 38 -12.00 1.43 27.15
C TYR A 38 -13.38 1.59 26.53
N ARG A 39 -14.44 1.26 27.25
CA ARG A 39 -15.77 1.18 26.69
C ARG A 39 -15.78 0.29 25.44
N ALA A 40 -14.91 -0.73 25.42
CA ALA A 40 -14.67 -1.51 24.20
C ALA A 40 -15.87 -2.39 23.81
N ASN A 41 -16.73 -2.69 24.78
CA ASN A 41 -17.90 -3.50 24.48
C ASN A 41 -19.19 -2.71 24.53
N GLU A 42 -19.09 -1.39 24.56
CA GLU A 42 -20.30 -0.58 24.44
C GLU A 42 -20.57 -0.23 22.97
N ARG A 43 -21.83 -0.13 22.64
CA ARG A 43 -22.22 0.14 21.26
C ARG A 43 -22.12 1.62 20.93
N PHE A 44 -21.64 1.88 19.72
CA PHE A 44 -21.64 3.20 19.12
C PHE A 44 -22.14 3.12 17.68
N PRO A 45 -22.74 4.18 17.17
CA PRO A 45 -23.17 4.17 15.77
C PRO A 45 -22.00 4.00 14.81
N LEU A 46 -22.23 3.20 13.78
CA LEU A 46 -21.24 3.03 12.73
C LEU A 46 -21.02 4.25 11.84
N CYS A 47 -22.12 4.93 11.52
CA CYS A 47 -22.07 6.00 10.52
C CYS A 47 -21.39 5.39 9.28
N SER A 48 -20.53 6.11 8.57
CA SER A 48 -19.96 5.59 7.34
C SER A 48 -18.88 4.54 7.56
N SER A 49 -18.50 4.25 8.78
CA SER A 49 -17.39 3.30 8.99
C SER A 49 -17.68 1.93 8.41
N PHE A 50 -18.98 1.57 8.26
CA PHE A 50 -19.28 0.26 7.70
C PHE A 50 -18.79 0.15 6.27
N LYS A 51 -18.58 1.23 5.55
CA LYS A 51 -18.26 1.17 4.13
C LYS A 51 -16.96 0.46 3.84
N GLY A 52 -16.05 0.46 4.82
CA GLY A 52 -14.83 -0.32 4.63
C GLY A 52 -15.12 -1.81 4.60
N PHE A 53 -16.01 -2.25 5.48
CA PHE A 53 -16.45 -3.65 5.54
C PHE A 53 -17.29 -4.00 4.31
N LEU A 54 -18.08 -3.08 3.80
CA LEU A 54 -18.81 -3.25 2.55
C LEU A 54 -17.86 -3.53 1.39
N ALA A 55 -16.78 -2.76 1.28
CA ALA A 55 -15.78 -3.06 0.26
C ALA A 55 -15.22 -4.46 0.43
N ALA A 56 -14.96 -4.87 1.68
CA ALA A 56 -14.48 -6.21 1.94
C ALA A 56 -15.50 -7.27 1.51
N ALA A 57 -16.79 -7.00 1.80
CA ALA A 57 -17.85 -7.93 1.41
C ALA A 57 -17.89 -8.12 -0.10
N VAL A 58 -17.67 -7.04 -0.85
CA VAL A 58 -17.62 -7.10 -2.31
C VAL A 58 -16.44 -7.93 -2.79
N LEU A 59 -15.26 -7.69 -2.22
CA LEU A 59 -14.12 -8.50 -2.59
C LEU A 59 -14.35 -9.95 -2.26
N SER A 60 -14.95 -10.22 -1.09
CA SER A 60 -15.24 -11.62 -0.79
C SER A 60 -16.14 -12.24 -1.86
N LYS A 61 -17.22 -11.53 -2.16
CA LYS A 61 -18.13 -12.02 -3.18
C LYS A 61 -17.40 -12.35 -4.47
N SER A 62 -16.46 -11.50 -4.88
CA SER A 62 -15.75 -11.70 -6.12
C SER A 62 -14.94 -12.99 -6.13
N GLN A 63 -14.59 -13.55 -4.98
CA GLN A 63 -13.84 -14.82 -4.93
C GLN A 63 -14.72 -15.97 -5.37
N GLN A 64 -16.03 -15.77 -5.37
CA GLN A 64 -16.84 -16.88 -5.87
CA GLN A 64 -17.03 -16.74 -5.76
C GLN A 64 -17.60 -16.49 -7.14
N GLN A 65 -17.32 -15.32 -7.68
CA GLN A 65 -17.89 -14.86 -8.93
CA GLN A 65 -17.89 -14.84 -8.92
C GLN A 65 -16.82 -14.19 -9.79
N GLU A 66 -16.16 -15.01 -10.59
CA GLU A 66 -15.05 -14.56 -11.41
CA GLU A 66 -15.05 -14.55 -11.40
C GLU A 66 -15.52 -13.39 -12.28
N GLY A 67 -14.71 -12.36 -12.29
CA GLY A 67 -15.01 -11.22 -13.13
C GLY A 67 -15.85 -10.14 -12.48
N LEU A 68 -16.36 -10.36 -11.26
CA LEU A 68 -17.29 -9.41 -10.68
C LEU A 68 -16.77 -7.98 -10.63
N LEU A 69 -15.52 -7.80 -10.26
CA LEU A 69 -15.00 -6.43 -10.00
C LEU A 69 -14.96 -5.57 -11.24
N ASN A 70 -14.82 -6.19 -12.42
CA ASN A 70 -14.73 -5.40 -13.64
C ASN A 70 -16.12 -5.15 -14.24
N GLN A 71 -17.21 -5.68 -13.70
CA GLN A 71 -18.53 -5.42 -14.23
C GLN A 71 -18.97 -3.99 -14.00
N ARG A 72 -19.70 -3.43 -14.95
CA ARG A 72 -20.18 -2.06 -14.79
C ARG A 72 -21.63 -2.01 -14.34
N ILE A 73 -21.90 -1.05 -13.47
CA ILE A 73 -23.28 -0.78 -13.01
C ILE A 73 -23.66 0.60 -13.52
N ARG A 74 -24.76 0.66 -14.27
CA ARG A 74 -25.30 1.93 -14.73
CA ARG A 74 -25.34 1.90 -14.75
C ARG A 74 -26.44 2.35 -13.81
N TYR A 75 -26.64 3.63 -13.66
CA TYR A 75 -27.63 4.20 -12.76
C TYR A 75 -28.10 5.57 -13.27
N ASP A 76 -28.16 5.70 -14.58
CA ASP A 76 -28.39 6.96 -15.26
CA ASP A 76 -28.60 6.77 -15.42
C ASP A 76 -29.64 7.70 -14.81
N ASN A 77 -30.69 7.06 -14.35
CA ASN A 77 -31.86 7.84 -13.95
CA ASN A 77 -31.90 7.77 -13.96
C ASN A 77 -32.13 7.71 -12.46
N ARG A 78 -31.10 7.33 -11.72
CA ARG A 78 -31.24 7.10 -10.30
C ARG A 78 -31.30 8.38 -9.49
N VAL A 79 -32.13 8.44 -8.45
CA VAL A 79 -32.12 9.55 -7.49
C VAL A 79 -30.87 9.39 -6.63
N MET A 80 -29.95 10.34 -6.65
CA MET A 80 -28.68 10.20 -5.93
C MET A 80 -28.72 10.86 -4.56
N GLU A 81 -28.12 10.21 -3.59
CA GLU A 81 -27.99 10.68 -2.21
C GLU A 81 -26.94 11.75 -2.02
N PRO A 82 -27.12 12.57 -0.99
CA PRO A 82 -26.05 13.49 -0.58
C PRO A 82 -24.76 12.71 -0.28
N HIS A 83 -23.64 13.43 -0.40
CA HIS A 83 -22.30 12.92 -0.07
C HIS A 83 -21.96 11.74 -1.00
N SER A 84 -22.17 11.99 -2.29
CA SER A 84 -21.93 11.02 -3.36
C SER A 84 -21.03 11.67 -4.41
N PRO A 85 -19.85 12.13 -4.00
CA PRO A 85 -19.04 12.92 -4.93
C PRO A 85 -18.63 12.17 -6.18
N VAL A 86 -18.28 10.88 -6.04
CA VAL A 86 -17.79 10.14 -7.19
C VAL A 86 -18.94 9.64 -8.05
N THR A 87 -19.94 9.05 -7.39
CA THR A 87 -21.03 8.50 -8.21
C THR A 87 -21.82 9.62 -8.89
N GLU A 88 -21.97 10.80 -8.27
CA GLU A 88 -22.67 11.89 -8.96
CA GLU A 88 -22.74 11.81 -9.03
C GLU A 88 -21.93 12.29 -10.22
N LYS A 89 -20.62 12.27 -10.17
CA LYS A 89 -19.76 12.69 -11.27
C LYS A 89 -19.78 11.69 -12.41
N GLN A 90 -19.94 10.43 -12.07
CA GLN A 90 -19.84 9.39 -13.08
C GLN A 90 -21.20 8.89 -13.53
N ILE A 91 -22.24 9.67 -13.26
CA ILE A 91 -23.55 9.10 -13.60
C ILE A 91 -23.71 8.91 -15.10
N THR A 92 -23.01 9.71 -15.90
CA THR A 92 -23.25 9.55 -17.34
C THR A 92 -22.59 8.26 -17.85
N THR A 93 -21.73 7.64 -17.07
CA THR A 93 -20.95 6.51 -17.58
C THR A 93 -21.21 5.20 -16.85
N GLY A 94 -21.82 5.32 -15.67
CA GLY A 94 -21.83 4.19 -14.77
C GLY A 94 -20.46 3.98 -14.14
N MET A 95 -20.30 2.98 -13.30
CA MET A 95 -19.01 2.68 -12.65
C MET A 95 -18.88 1.17 -12.51
N THR A 96 -17.61 0.74 -12.54
CA THR A 96 -17.39 -0.67 -12.30
C THR A 96 -17.52 -0.95 -10.80
N VAL A 97 -17.72 -2.23 -10.49
CA VAL A 97 -17.85 -2.68 -9.12
C VAL A 97 -16.60 -2.30 -8.33
N ALA A 98 -15.42 -2.45 -8.93
CA ALA A 98 -14.22 -2.04 -8.21
C ALA A 98 -14.20 -0.54 -7.96
N GLU A 99 -14.54 0.24 -8.94
CA GLU A 99 -14.64 1.70 -8.78
C GLU A 99 -15.64 2.12 -7.71
N LEU A 100 -16.79 1.47 -7.64
CA LEU A 100 -17.76 1.76 -6.59
C LEU A 100 -17.22 1.44 -5.21
N SER A 101 -16.50 0.33 -5.10
CA SER A 101 -15.94 -0.11 -3.83
C SER A 101 -14.89 0.88 -3.38
N ALA A 102 -14.00 1.29 -4.29
CA ALA A 102 -12.96 2.27 -3.98
C ALA A 102 -13.62 3.57 -3.54
N ALA A 103 -14.66 4.02 -4.22
CA ALA A 103 -15.31 5.29 -3.91
C ALA A 103 -16.00 5.29 -2.56
N THR A 104 -16.66 4.16 -2.28
CA THR A 104 -17.40 4.11 -1.01
C THR A 104 -16.43 4.09 0.17
N LEU A 105 -15.30 3.42 0.00
CA LEU A 105 -14.34 3.44 1.07
C LEU A 105 -13.62 4.81 1.08
N GLN A 106 -12.98 5.17 0.00
CA GLN A 106 -11.99 6.27 0.05
C GLN A 106 -12.63 7.65 0.07
N TYR A 107 -13.85 7.77 -0.44
CA TYR A 107 -14.55 9.04 -0.44
C TYR A 107 -15.85 8.97 0.33
N SER A 108 -16.11 7.87 0.98
CA SER A 108 -17.33 7.71 1.79
C SER A 108 -18.59 7.86 0.96
N ASP A 109 -18.51 7.55 -0.34
CA ASP A 109 -19.58 7.83 -1.28
C ASP A 109 -20.87 7.06 -0.95
N ASN A 110 -21.96 7.80 -0.73
CA ASN A 110 -23.22 7.17 -0.31
C ASN A 110 -23.94 6.43 -1.43
N GLY A 111 -23.97 7.04 -2.60
CA GLY A 111 -24.55 6.38 -3.77
C GLY A 111 -23.86 5.06 -4.05
N ALA A 112 -22.54 5.08 -3.92
CA ALA A 112 -21.80 3.85 -4.13
C ALA A 112 -22.15 2.81 -3.09
N ALA A 113 -22.21 3.20 -1.83
CA ALA A 113 -22.61 2.24 -0.78
C ALA A 113 -23.97 1.63 -1.03
N ASN A 114 -24.94 2.48 -1.32
CA ASN A 114 -26.32 1.97 -1.50
C ASN A 114 -26.43 1.14 -2.77
N LEU A 115 -25.69 1.51 -3.82
CA LEU A 115 -25.71 0.72 -5.04
C LEU A 115 -25.15 -0.68 -4.79
N LEU A 116 -24.02 -0.77 -4.06
CA LEU A 116 -23.42 -2.07 -3.77
C LEU A 116 -24.33 -2.87 -2.83
N LEU A 117 -24.92 -2.19 -1.82
CA LEU A 117 -25.86 -2.92 -0.97
C LEU A 117 -27.03 -3.44 -1.80
N GLU A 118 -27.54 -2.67 -2.77
CA GLU A 118 -28.69 -3.09 -3.53
C GLU A 118 -28.36 -4.21 -4.51
N LYS A 119 -27.29 -4.02 -5.27
CA LYS A 119 -27.04 -4.91 -6.40
CA LYS A 119 -26.96 -4.85 -6.41
C LYS A 119 -26.17 -6.12 -6.09
N LEU A 120 -25.35 -6.07 -5.06
CA LEU A 120 -24.44 -7.19 -4.77
C LEU A 120 -24.60 -7.83 -3.42
N ILE A 121 -24.79 -7.06 -2.34
CA ILE A 121 -24.59 -7.56 -0.97
C ILE A 121 -25.85 -7.91 -0.22
N GLY A 122 -26.99 -7.58 -0.84
CA GLY A 122 -28.24 -7.99 -0.24
C GLY A 122 -28.75 -7.09 0.87
N GLY A 123 -28.52 -5.79 0.71
CA GLY A 123 -29.03 -4.83 1.66
C GLY A 123 -28.33 -4.85 3.00
N PRO A 124 -28.82 -4.06 3.95
CA PRO A 124 -28.25 -4.07 5.32
C PRO A 124 -28.28 -5.49 5.88
N GLU A 125 -29.30 -6.31 5.60
CA GLU A 125 -29.34 -7.68 6.09
CA GLU A 125 -29.28 -7.65 6.21
C GLU A 125 -28.15 -8.49 5.61
N GLY A 126 -27.86 -8.33 4.31
CA GLY A 126 -26.79 -9.01 3.63
C GLY A 126 -25.43 -8.54 4.15
N MET A 127 -25.31 -7.25 4.39
CA MET A 127 -24.07 -6.73 4.97
C MET A 127 -23.81 -7.36 6.34
N THR A 128 -24.86 -7.42 7.14
CA THR A 128 -24.81 -8.01 8.48
C THR A 128 -24.43 -9.48 8.38
N SER A 129 -25.02 -10.21 7.43
CA SER A 129 -24.70 -11.63 7.28
CA SER A 129 -24.71 -11.63 7.24
C SER A 129 -23.23 -11.84 6.92
N PHE A 130 -22.66 -10.97 6.08
CA PHE A 130 -21.26 -11.11 5.76
C PHE A 130 -20.43 -10.99 7.05
N MET A 131 -20.77 -10.01 7.89
CA MET A 131 -20.00 -9.85 9.12
C MET A 131 -20.12 -11.04 10.04
N ARG A 132 -21.33 -11.59 10.12
CA ARG A 132 -21.51 -12.85 10.85
C ARG A 132 -20.64 -13.95 10.28
N SER A 133 -20.48 -14.01 8.95
CA SER A 133 -19.70 -15.05 8.31
C SER A 133 -18.21 -14.96 8.61
N ILE A 134 -17.73 -13.84 9.09
CA ILE A 134 -16.32 -13.73 9.47
C ILE A 134 -16.15 -13.82 10.98
N GLY A 135 -17.21 -14.15 11.70
CA GLY A 135 -17.20 -14.32 13.14
C GLY A 135 -17.54 -13.10 13.95
N ASP A 136 -18.10 -12.07 13.34
CA ASP A 136 -18.46 -10.84 14.04
C ASP A 136 -19.95 -10.98 14.39
N ASN A 137 -20.27 -11.24 15.65
CA ASN A 137 -21.65 -11.35 16.09
C ASN A 137 -22.20 -10.07 16.71
N VAL A 138 -21.42 -8.98 16.64
CA VAL A 138 -21.81 -7.71 17.26
C VAL A 138 -22.29 -6.72 16.22
N PHE A 139 -21.57 -6.58 15.13
CA PHE A 139 -21.97 -5.61 14.10
C PHE A 139 -23.42 -5.78 13.73
N ARG A 140 -24.12 -4.67 13.54
CA ARG A 140 -25.41 -4.78 12.87
C ARG A 140 -25.64 -3.56 12.00
N LEU A 141 -26.00 -3.80 10.73
CA LEU A 141 -26.49 -2.78 9.81
C LEU A 141 -27.97 -3.13 9.59
N ASP A 142 -28.80 -2.13 9.89
CA ASP A 142 -30.26 -2.25 9.89
C ASP A 142 -30.90 -1.41 8.80
N ARG A 143 -30.31 -0.29 8.43
CA ARG A 143 -30.85 0.72 7.55
C ARG A 143 -29.84 1.07 6.48
N TRP A 144 -30.34 1.82 5.50
CA TRP A 144 -29.51 2.25 4.37
C TRP A 144 -28.97 3.64 4.59
N GLU A 145 -28.10 4.10 3.70
CA GLU A 145 -27.73 5.53 3.76
C GLU A 145 -28.88 6.39 3.26
N LEU A 146 -29.25 7.52 3.89
CA LEU A 146 -28.58 8.17 4.98
C LEU A 146 -29.31 7.98 6.32
N GLU A 147 -30.40 7.25 6.36
CA GLU A 147 -31.18 7.12 7.59
CA GLU A 147 -31.21 7.05 7.56
C GLU A 147 -30.39 6.42 8.69
N LEU A 148 -29.39 5.60 8.33
CA LEU A 148 -28.58 4.95 9.37
C LEU A 148 -27.80 5.95 10.21
N ASN A 149 -27.73 7.21 9.84
CA ASN A 149 -26.99 8.19 10.61
CA ASN A 149 -26.95 8.13 10.67
C ASN A 149 -27.67 8.76 11.85
N SER A 150 -28.90 8.36 12.14
CA SER A 150 -29.67 9.03 13.19
C SER A 150 -29.00 9.01 14.57
N ALA A 151 -28.22 8.00 14.88
CA ALA A 151 -27.35 8.00 16.06
C ALA A 151 -28.05 8.29 17.36
N ILE A 152 -29.26 7.81 17.46
CA ILE A 152 -30.07 8.10 18.65
C ILE A 152 -29.50 7.44 19.87
N PRO A 153 -29.37 8.18 20.96
CA PRO A 153 -28.87 7.59 22.22
C PRO A 153 -29.53 6.28 22.57
N GLY A 154 -28.67 5.27 22.74
CA GLY A 154 -29.09 3.94 23.08
C GLY A 154 -29.85 3.13 22.08
N ASP A 155 -29.92 3.57 20.83
CA ASP A 155 -30.48 2.78 19.74
C ASP A 155 -29.41 1.83 19.20
N ASP A 156 -29.62 0.53 19.30
CA ASP A 156 -28.58 -0.38 18.84
CA ASP A 156 -28.63 -0.46 18.86
C ASP A 156 -28.58 -0.63 17.33
N ARG A 157 -29.53 -0.11 16.61
CA ARG A 157 -29.47 -0.25 15.16
C ARG A 157 -28.26 0.48 14.58
N ASP A 158 -27.68 -0.15 13.57
CA ASP A 158 -26.56 0.47 12.83
C ASP A 158 -25.41 0.85 13.76
N THR A 159 -25.09 -0.09 14.64
CA THR A 159 -24.01 0.02 15.61
C THR A 159 -23.06 -1.18 15.59
N SER A 160 -21.89 -0.93 16.17
CA SER A 160 -21.01 -2.00 16.57
C SER A 160 -20.30 -1.55 17.85
N THR A 161 -19.30 -2.26 18.30
CA THR A 161 -18.48 -1.91 19.45
C THR A 161 -17.05 -1.67 19.00
N PRO A 162 -16.29 -0.86 19.72
CA PRO A 162 -14.88 -0.67 19.30
C PRO A 162 -14.14 -2.00 19.19
N LYS A 163 -14.38 -2.94 20.11
CA LYS A 163 -13.71 -4.23 20.05
CA LYS A 163 -13.70 -4.23 20.05
C LYS A 163 -14.07 -5.01 18.81
N ALA A 164 -15.35 -5.06 18.50
CA ALA A 164 -15.73 -5.83 17.32
C ALA A 164 -15.23 -5.18 16.02
N VAL A 165 -15.23 -3.85 15.94
CA VAL A 165 -14.69 -3.18 14.77
C VAL A 165 -13.21 -3.51 14.60
N ALA A 166 -12.43 -3.40 15.68
CA ALA A 166 -11.00 -3.69 15.62
C ALA A 166 -10.76 -5.15 15.27
N GLU A 167 -11.50 -6.07 15.92
CA GLU A 167 -11.31 -7.47 15.65
C GLU A 167 -11.66 -7.80 14.21
N SER A 168 -12.68 -7.18 13.66
CA SER A 168 -13.03 -7.46 12.26
C SER A 168 -12.03 -6.87 11.29
N MET A 169 -11.53 -5.68 11.58
CA MET A 169 -10.47 -5.11 10.78
C MET A 169 -9.24 -6.02 10.81
N GLN A 170 -8.92 -6.56 11.99
CA GLN A 170 -7.76 -7.43 12.09
C GLN A 170 -8.00 -8.68 11.25
N LYS A 171 -9.18 -9.26 11.32
CA LYS A 171 -9.51 -10.47 10.56
C LYS A 171 -9.36 -10.26 9.06
N LEU A 172 -9.86 -9.11 8.61
CA LEU A 172 -9.85 -8.86 7.17
C LEU A 172 -8.43 -8.52 6.73
N ALA A 173 -7.66 -7.77 7.49
CA ALA A 173 -6.34 -7.30 7.07
C ALA A 173 -5.26 -8.37 7.14
N PHE A 174 -5.38 -9.25 8.10
CA PHE A 174 -4.32 -10.21 8.37
C PHE A 174 -4.82 -11.65 8.43
N GLY A 175 -6.11 -11.93 8.43
CA GLY A 175 -6.70 -13.25 8.48
C GLY A 175 -7.09 -13.85 7.11
N ASN A 176 -7.94 -14.86 7.23
CA ASN A 176 -8.29 -15.84 6.24
C ASN A 176 -9.49 -15.55 5.35
N VAL A 177 -10.13 -14.41 5.53
CA VAL A 177 -11.35 -14.17 4.78
C VAL A 177 -11.07 -13.97 3.30
N LEU A 178 -10.09 -13.12 3.01
CA LEU A 178 -9.71 -12.74 1.66
C LEU A 178 -8.41 -13.35 1.22
N GLY A 179 -8.33 -13.73 -0.04
CA GLY A 179 -7.07 -14.21 -0.59
C GLY A 179 -6.06 -13.07 -0.70
N LEU A 180 -4.84 -13.41 -1.02
CA LEU A 180 -3.77 -12.45 -0.99
C LEU A 180 -4.02 -11.27 -1.88
N THR A 181 -4.44 -11.53 -3.11
CA THR A 181 -4.65 -10.41 -4.03
C THR A 181 -5.78 -9.50 -3.57
N GLU A 182 -6.87 -10.10 -3.11
CA GLU A 182 -8.03 -9.36 -2.64
C GLU A 182 -7.71 -8.60 -1.37
N ARG A 183 -6.98 -9.26 -0.45
CA ARG A 183 -6.61 -8.59 0.81
CA ARG A 183 -6.58 -8.61 0.79
C ARG A 183 -5.73 -7.38 0.52
N HIS A 184 -4.75 -7.53 -0.38
CA HIS A 184 -3.92 -6.37 -0.77
CA HIS A 184 -3.94 -6.35 -0.71
C HIS A 184 -4.76 -5.22 -1.30
N GLN A 185 -5.74 -5.53 -2.13
CA GLN A 185 -6.63 -4.55 -2.73
C GLN A 185 -7.38 -3.82 -1.64
N LEU A 186 -7.98 -4.55 -0.72
CA LEU A 186 -8.68 -3.92 0.40
C LEU A 186 -7.80 -2.97 1.18
N MET A 187 -6.60 -3.45 1.53
CA MET A 187 -5.74 -2.58 2.35
C MET A 187 -5.19 -1.43 1.55
N ASP A 188 -4.99 -1.55 0.24
CA ASP A 188 -4.60 -0.38 -0.54
CA ASP A 188 -4.56 -0.35 -0.48
C ASP A 188 -5.72 0.63 -0.52
N TRP A 189 -6.96 0.14 -0.59
CA TRP A 189 -8.07 1.11 -0.55
C TRP A 189 -8.07 1.84 0.79
N PHE A 190 -7.92 1.12 1.90
CA PHE A 190 -7.82 1.76 3.21
C PHE A 190 -6.64 2.74 3.28
N LYS A 191 -5.51 2.35 2.70
CA LYS A 191 -4.34 3.24 2.76
C LYS A 191 -4.62 4.55 2.04
N GLY A 192 -5.36 4.52 0.94
CA GLY A 192 -5.66 5.71 0.17
C GLY A 192 -6.92 6.43 0.61
N ASN A 193 -7.49 6.10 1.74
CA ASN A 193 -8.64 6.85 2.23
C ASN A 193 -8.32 8.34 2.33
N THR A 194 -9.31 9.17 1.97
CA THR A 194 -9.07 10.61 1.88
C THR A 194 -9.66 11.45 2.99
N THR A 195 -10.44 10.80 3.85
CA THR A 195 -11.20 11.54 4.82
C THR A 195 -10.68 11.53 6.24
N GLY A 196 -9.57 10.85 6.49
CA GLY A 196 -9.14 10.63 7.85
C GLY A 196 -7.94 11.42 8.30
N GLY A 197 -7.54 12.46 7.58
CA GLY A 197 -6.31 13.09 7.96
C GLY A 197 -6.27 13.71 9.35
N ALA A 198 -7.41 14.07 9.93
CA ALA A 198 -7.46 14.71 11.23
C ALA A 198 -7.81 13.74 12.35
N ARG A 199 -7.90 12.46 12.05
CA ARG A 199 -8.32 11.48 13.06
C ARG A 199 -7.14 10.58 13.39
N ILE A 200 -7.19 9.26 13.22
CA ILE A 200 -6.10 8.45 13.72
C ILE A 200 -4.79 8.80 13.06
N ARG A 201 -4.83 9.12 11.76
CA ARG A 201 -3.58 9.53 11.10
C ARG A 201 -2.91 10.71 11.80
N ALA A 202 -3.69 11.61 12.39
CA ALA A 202 -3.03 12.76 13.04
C ALA A 202 -2.27 12.40 14.28
N SER A 203 -2.46 11.20 14.80
CA SER A 203 -1.78 10.81 16.04
C SER A 203 -0.45 10.15 15.81
N VAL A 204 0.00 9.96 14.57
CA VAL A 204 1.24 9.20 14.34
C VAL A 204 2.16 9.99 13.41
N PRO A 205 3.44 9.64 13.37
CA PRO A 205 4.36 10.34 12.49
C PRO A 205 3.95 10.21 11.05
N ALA A 206 4.29 11.26 10.33
CA ALA A 206 3.88 11.37 8.94
C ALA A 206 4.49 10.25 8.13
N ASN A 207 5.61 9.68 8.61
CA ASN A 207 6.16 8.60 7.77
C ASN A 207 5.70 7.20 8.13
N TRP A 208 4.82 7.06 9.10
CA TRP A 208 4.19 5.73 9.28
C TRP A 208 3.12 5.54 8.21
N VAL A 209 2.76 4.33 7.85
CA VAL A 209 1.68 4.02 6.91
C VAL A 209 0.38 3.70 7.67
N VAL A 210 -0.74 4.28 7.26
CA VAL A 210 -2.01 4.10 7.89
C VAL A 210 -3.06 3.82 6.81
N GLY A 211 -3.90 2.83 7.12
CA GLY A 211 -5.12 2.56 6.38
C GLY A 211 -6.32 2.77 7.29
N ASP A 212 -7.34 3.52 6.91
CA ASP A 212 -8.44 3.81 7.82
C ASP A 212 -9.73 4.01 7.06
N LYS A 213 -10.80 3.96 7.87
CA LYS A 213 -12.09 4.42 7.36
C LYS A 213 -12.80 5.18 8.47
N THR A 214 -13.29 6.38 8.14
CA THR A 214 -14.01 7.24 9.05
C THR A 214 -15.51 7.02 9.02
N GLY A 215 -16.16 7.50 10.07
CA GLY A 215 -17.60 7.63 10.11
C GLY A 215 -17.98 8.95 10.75
N THR A 216 -18.98 9.66 10.22
CA THR A 216 -19.46 10.92 10.76
C THR A 216 -20.96 10.94 10.60
N CYS A 217 -21.70 10.90 11.69
CA CYS A 217 -23.17 10.81 11.56
C CYS A 217 -23.86 12.16 11.38
N GLY A 218 -23.20 13.25 11.79
CA GLY A 218 -23.74 14.59 11.64
C GLY A 218 -24.64 15.04 12.76
N VAL A 219 -24.81 14.25 13.77
CA VAL A 219 -25.66 14.50 14.92
C VAL A 219 -25.05 13.80 16.15
N TYR A 220 -25.50 14.24 17.33
CA TYR A 220 -25.17 13.57 18.60
C TYR A 220 -23.67 13.42 18.77
N GLY A 221 -22.89 14.42 18.35
CA GLY A 221 -21.45 14.40 18.48
C GLY A 221 -20.81 13.09 18.10
N THR A 222 -21.40 12.44 17.08
CA THR A 222 -21.08 11.06 16.79
C THR A 222 -20.20 10.91 15.55
N ALA A 223 -18.99 10.42 15.77
CA ALA A 223 -18.01 10.23 14.71
C ALA A 223 -16.99 9.18 15.17
N ASN A 224 -16.21 8.63 14.25
CA ASN A 224 -15.32 7.52 14.53
C ASN A 224 -14.28 7.34 13.45
N ASP A 225 -13.37 6.43 13.73
CA ASP A 225 -12.31 6.04 12.81
C ASP A 225 -11.79 4.67 13.26
N TYR A 226 -11.45 3.83 12.30
CA TYR A 226 -10.71 2.61 12.62
C TYR A 226 -9.62 2.45 11.56
N ALA A 227 -8.55 1.74 11.97
CA ALA A 227 -7.36 1.72 11.13
C ALA A 227 -6.46 0.53 11.41
N VAL A 228 -5.59 0.30 10.44
CA VAL A 228 -4.35 -0.43 10.64
C VAL A 228 -3.23 0.58 10.50
N ILE A 229 -2.29 0.54 11.44
CA ILE A 229 -1.15 1.44 11.48
C ILE A 229 0.14 0.63 11.37
N TRP A 230 0.98 0.96 10.43
CA TRP A 230 2.26 0.30 10.20
C TRP A 230 3.39 1.25 10.61
N PRO A 231 3.88 1.10 11.85
CA PRO A 231 4.99 1.92 12.32
C PRO A 231 6.30 1.45 11.68
N VAL A 232 7.31 2.32 11.78
CA VAL A 232 8.63 1.89 11.32
C VAL A 232 9.15 0.88 12.33
N ALA A 233 9.57 -0.29 11.86
CA ALA A 233 10.22 -1.32 12.68
C ALA A 233 9.38 -1.84 13.85
N HIS A 234 8.08 -1.96 13.57
CA HIS A 234 7.18 -2.54 14.58
C HIS A 234 6.04 -3.23 13.82
N ALA A 235 5.50 -4.27 14.46
CA ALA A 235 4.32 -4.90 13.90
C ALA A 235 3.17 -3.94 13.80
N PRO A 236 2.29 -4.18 12.83
CA PRO A 236 1.11 -3.32 12.75
C PRO A 236 0.20 -3.38 13.97
N ILE A 237 -0.45 -2.25 14.17
CA ILE A 237 -1.44 -2.05 15.24
C ILE A 237 -2.83 -1.86 14.62
N VAL A 238 -3.85 -2.46 15.19
CA VAL A 238 -5.23 -2.25 14.75
C VAL A 238 -5.92 -1.38 15.83
N LEU A 239 -6.61 -0.32 15.41
CA LEU A 239 -7.20 0.60 16.37
C LEU A 239 -8.58 1.03 15.93
N ALA A 240 -9.54 1.07 16.85
CA ALA A 240 -10.86 1.64 16.61
C ALA A 240 -11.16 2.68 17.69
N VAL A 241 -11.65 3.83 17.27
CA VAL A 241 -12.03 4.93 18.12
C VAL A 241 -13.42 5.45 17.71
N TYR A 242 -14.39 5.39 18.62
CA TYR A 242 -15.77 5.75 18.40
C TYR A 242 -16.19 6.77 19.48
N THR A 243 -17.01 7.75 19.10
CA THR A 243 -17.49 8.76 20.04
C THR A 243 -18.98 9.07 19.87
N SER A 244 -19.55 9.63 20.92
CA SER A 244 -20.93 10.10 20.98
C SER A 244 -21.08 11.20 22.03
N LYS A 245 -22.09 12.03 21.85
CA LYS A 245 -22.46 13.05 22.84
C LYS A 245 -23.98 13.01 23.00
N PRO A 246 -24.48 13.43 24.15
CA PRO A 246 -25.91 13.28 24.42
C PRO A 246 -26.81 14.27 23.69
N ASP A 247 -26.37 15.44 23.24
CA ASP A 247 -27.26 16.40 22.61
C ASP A 247 -27.23 16.30 21.08
N ARG A 248 -28.41 16.26 20.50
CA ARG A 248 -28.53 16.04 19.07
C ARG A 248 -27.72 17.04 18.27
N ASN A 249 -27.70 18.30 18.68
CA ASN A 249 -27.00 19.31 17.86
C ASN A 249 -25.53 19.43 18.18
N SER A 250 -25.02 18.64 19.11
CA SER A 250 -23.60 18.72 19.37
C SER A 250 -22.78 18.21 18.19
N LYS A 251 -21.67 18.89 17.90
CA LYS A 251 -20.76 18.43 16.88
C LYS A 251 -19.75 17.44 17.43
N HIS A 252 -19.31 16.56 16.52
CA HIS A 252 -18.19 15.73 16.87
C HIS A 252 -16.92 16.59 16.91
N SER A 253 -15.82 15.93 17.26
CA SER A 253 -14.49 16.54 17.32
C SER A 253 -13.44 15.62 16.75
N ASP A 254 -12.86 16.01 15.61
CA ASP A 254 -11.75 15.23 15.07
C ASP A 254 -10.57 15.23 16.05
N ALA A 255 -10.29 16.38 16.66
CA ALA A 255 -9.18 16.48 17.60
C ALA A 255 -9.28 15.46 18.72
N VAL A 256 -10.49 15.27 19.21
CA VAL A 256 -10.70 14.31 20.31
C VAL A 256 -10.41 12.90 19.85
N ILE A 257 -10.81 12.55 18.62
CA ILE A 257 -10.47 11.22 18.13
C ILE A 257 -8.97 11.06 17.97
N ALA A 258 -8.30 12.08 17.44
CA ALA A 258 -6.84 12.02 17.33
C ALA A 258 -6.18 11.86 18.71
N ASP A 259 -6.67 12.62 19.69
CA ASP A 259 -6.05 12.56 21.01
CA ASP A 259 -6.12 12.59 21.04
C ASP A 259 -6.33 11.23 21.67
N ALA A 260 -7.53 10.67 21.48
CA ALA A 260 -7.77 9.33 22.03
C ALA A 260 -6.80 8.32 21.45
N SER A 261 -6.55 8.45 20.15
CA SER A 261 -5.64 7.55 19.46
CA SER A 261 -5.63 7.58 19.44
C SER A 261 -4.22 7.68 20.02
N ARG A 262 -3.76 8.93 20.19
CA ARG A 262 -2.46 9.19 20.77
C ARG A 262 -2.33 8.51 22.15
N ILE A 263 -3.33 8.69 23.03
CA ILE A 263 -3.27 8.11 24.38
C ILE A 263 -3.15 6.61 24.31
N VAL A 264 -3.99 5.99 23.46
CA VAL A 264 -3.95 4.52 23.40
C VAL A 264 -2.63 3.99 22.83
N LEU A 265 -2.13 4.63 21.77
CA LEU A 265 -0.89 4.15 21.13
C LEU A 265 0.35 4.30 21.98
N GLU A 266 0.33 5.30 22.84
CA GLU A 266 1.43 5.61 23.74
CA GLU A 266 1.48 5.60 23.71
C GLU A 266 1.59 4.40 24.64
N SER A 267 0.52 3.69 24.90
CA SER A 267 0.50 2.51 25.73
C SER A 267 1.12 1.31 25.02
N PHE A 268 1.51 1.31 23.75
CA PHE A 268 2.13 0.15 23.12
CA PHE A 268 2.13 0.10 23.18
C PHE A 268 3.58 0.59 23.15
C PHE A 268 3.63 -0.07 22.95
N ASN A 269 4.48 -0.33 22.99
N ASN A 269 4.65 0.48 23.54
CA ASN A 269 5.89 -0.01 23.19
CA ASN A 269 6.05 0.16 23.31
C ASN A 269 6.51 0.31 21.86
N ILE A 270 5.99 1.36 21.24
CA ILE A 270 6.44 1.68 19.90
C ILE A 270 7.43 2.83 20.00
N ASP A 271 8.55 2.66 19.33
CA ASP A 271 9.50 3.76 19.16
C ASP A 271 8.93 5.15 18.94
N ALA A 272 7.69 5.39 18.51
CA ALA A 272 7.03 6.67 18.76
C ALA A 272 5.55 6.40 19.01
N ALA B 1 -2.22 -16.58 -24.83
CA ALA B 1 -1.63 -15.29 -25.21
C ALA B 1 -2.59 -14.11 -25.00
N SER B 2 -2.19 -12.93 -25.49
CA SER B 2 -3.09 -11.79 -25.66
C SER B 2 -2.94 -11.26 -27.08
N GLN B 3 -1.98 -10.37 -27.38
CA GLN B 3 -1.55 -10.23 -28.74
CA GLN B 3 -1.72 -10.24 -28.81
C GLN B 3 -1.13 -11.58 -29.25
N PRO B 4 -1.15 -11.86 -30.52
CA PRO B 4 -0.37 -13.03 -30.98
C PRO B 4 1.07 -12.87 -30.51
N PRO B 5 1.67 -13.94 -30.04
CA PRO B 5 3.06 -13.89 -29.53
C PRO B 5 4.05 -13.26 -30.50
N GLN B 6 3.98 -13.56 -31.79
CA GLN B 6 4.94 -12.95 -32.71
C GLN B 6 4.72 -11.44 -32.83
N VAL B 7 3.49 -10.98 -32.64
CA VAL B 7 3.20 -9.55 -32.68
C VAL B 7 3.89 -8.83 -31.51
N THR B 8 3.83 -9.38 -30.31
CA THR B 8 4.55 -8.84 -29.15
C THR B 8 6.05 -8.74 -29.40
N VAL B 9 6.65 -9.84 -29.88
CA VAL B 9 8.07 -9.87 -30.23
C VAL B 9 8.41 -8.82 -31.29
N ASP B 10 7.64 -8.76 -32.36
CA ASP B 10 7.95 -7.87 -33.49
C ASP B 10 7.75 -6.42 -33.08
N LYS B 11 6.79 -6.13 -32.21
CA LYS B 11 6.67 -4.74 -31.71
C LYS B 11 7.92 -4.34 -30.94
N LEU B 12 8.49 -5.25 -30.15
CA LEU B 12 9.70 -4.94 -29.38
C LEU B 12 10.90 -4.77 -30.28
N LYS B 13 10.97 -5.63 -31.31
CA LYS B 13 12.05 -5.45 -32.26
C LYS B 13 11.99 -4.08 -32.94
N ARG B 14 10.77 -3.67 -33.36
CA ARG B 14 10.62 -2.34 -33.99
C ARG B 14 10.98 -1.21 -33.02
N LEU B 15 10.53 -1.34 -31.79
CA LEU B 15 10.84 -0.36 -30.76
C LEU B 15 12.34 -0.26 -30.56
N GLU B 16 13.03 -1.39 -30.52
CA GLU B 16 14.48 -1.39 -30.41
C GLU B 16 15.16 -0.63 -31.53
N ASN B 17 14.59 -0.97 -32.71
CA ASN B 17 15.19 -0.37 -33.89
C ASN B 17 15.04 1.14 -33.88
N ASP B 18 13.87 1.62 -33.50
CA ASP B 18 13.57 3.03 -33.47
C ASP B 18 14.43 3.74 -32.42
N PHE B 19 14.64 2.99 -31.33
CA PHE B 19 15.47 3.51 -30.23
C PHE B 19 16.95 3.57 -30.58
N GLY B 20 17.36 2.68 -31.47
CA GLY B 20 18.75 2.62 -31.84
C GLY B 20 19.55 1.85 -30.80
N GLY B 21 18.93 0.89 -30.14
CA GLY B 21 19.67 0.16 -29.12
C GLY B 21 19.03 -1.19 -28.80
N ARG B 22 19.23 -1.60 -27.56
CA ARG B 22 18.85 -2.89 -27.03
C ARG B 22 17.86 -2.71 -25.89
N ILE B 23 16.78 -3.47 -25.92
CA ILE B 23 15.80 -3.53 -24.87
C ILE B 23 15.65 -4.96 -24.36
N GLY B 24 15.70 -5.12 -23.06
CA GLY B 24 15.52 -6.38 -22.39
C GLY B 24 14.37 -6.33 -21.41
N VAL B 25 13.50 -7.35 -21.47
CA VAL B 25 12.31 -7.40 -20.65
CA VAL B 25 12.34 -7.38 -20.59
C VAL B 25 12.06 -8.79 -20.10
N TYR B 26 11.57 -8.88 -18.88
CA TYR B 26 11.00 -10.11 -18.35
C TYR B 26 9.82 -9.72 -17.48
N ALA B 27 8.74 -10.49 -17.65
CA ALA B 27 7.50 -10.29 -16.91
C ALA B 27 6.94 -11.61 -16.40
N ILE B 28 6.41 -11.55 -15.20
CA ILE B 28 5.82 -12.70 -14.52
C ILE B 28 4.42 -12.39 -14.05
N ASP B 29 3.47 -13.20 -14.46
CA ASP B 29 2.12 -13.13 -13.87
C ASP B 29 2.11 -14.07 -12.67
N THR B 30 2.00 -13.49 -11.49
CA THR B 30 2.06 -14.31 -10.28
C THR B 30 0.82 -15.18 -10.08
N GLY B 31 -0.24 -15.00 -10.85
CA GLY B 31 -1.43 -15.84 -10.68
C GLY B 31 -1.27 -17.10 -11.51
N SER B 32 -0.94 -16.90 -12.78
CA SER B 32 -0.91 -18.03 -13.70
C SER B 32 0.48 -18.61 -13.89
N ASN B 33 1.50 -17.90 -13.47
CA ASN B 33 2.91 -18.26 -13.71
C ASN B 33 3.28 -18.13 -15.17
N LYS B 34 2.46 -17.51 -16.00
CA LYS B 34 2.92 -17.21 -17.36
CA LYS B 34 2.82 -17.10 -17.35
C LYS B 34 4.00 -16.15 -17.30
N THR B 35 4.93 -16.21 -18.23
CA THR B 35 6.04 -15.27 -18.30
C THR B 35 6.19 -14.81 -19.76
N PHE B 36 6.88 -13.70 -19.92
CA PHE B 36 7.31 -13.23 -21.22
C PHE B 36 8.75 -12.77 -21.07
N GLY B 37 9.64 -13.10 -21.98
CA GLY B 37 10.97 -12.50 -22.00
C GLY B 37 11.40 -12.11 -23.42
N TYR B 38 12.13 -11.02 -23.47
CA TYR B 38 12.82 -10.59 -24.69
C TYR B 38 14.22 -10.13 -24.30
N ARG B 39 15.29 -10.75 -24.83
CA ARG B 39 16.65 -10.57 -24.31
C ARG B 39 16.73 -10.74 -22.79
N ALA B 40 15.94 -11.66 -22.24
CA ALA B 40 15.74 -11.70 -20.81
C ALA B 40 16.97 -12.22 -20.06
N ASN B 41 17.83 -12.95 -20.76
CA ASN B 41 19.04 -13.49 -20.17
C ASN B 41 20.27 -12.73 -20.59
N GLU B 42 20.12 -11.58 -21.25
CA GLU B 42 21.24 -10.70 -21.57
C GLU B 42 21.52 -9.75 -20.40
N ARG B 43 22.81 -9.47 -20.17
CA ARG B 43 23.14 -8.57 -19.08
C ARG B 43 22.96 -7.11 -19.46
N PHE B 44 22.48 -6.30 -18.55
CA PHE B 44 22.40 -4.85 -18.68
C PHE B 44 22.95 -4.22 -17.41
N PRO B 45 23.47 -3.02 -17.47
CA PRO B 45 23.87 -2.32 -16.24
C PRO B 45 22.69 -2.06 -15.32
N LEU B 46 22.91 -2.26 -14.01
CA LEU B 46 21.89 -1.95 -13.02
C LEU B 46 21.62 -0.45 -12.84
N CYS B 47 22.68 0.36 -12.92
CA CYS B 47 22.55 1.77 -12.55
C CYS B 47 21.90 1.84 -11.17
N SER B 48 20.99 2.76 -10.88
CA SER B 48 20.44 2.89 -9.54
C SER B 48 19.44 1.78 -9.17
N SER B 49 19.10 0.92 -10.10
CA SER B 49 18.07 -0.07 -9.79
C SER B 49 18.49 -0.99 -8.66
N PHE B 50 19.77 -1.18 -8.41
CA PHE B 50 20.18 -2.00 -7.27
C PHE B 50 19.69 -1.44 -5.93
N LYS B 51 19.41 -0.14 -5.85
CA LYS B 51 19.12 0.46 -4.55
C LYS B 51 17.87 -0.12 -3.93
N GLY B 52 16.96 -0.65 -4.75
CA GLY B 52 15.81 -1.39 -4.22
C GLY B 52 16.21 -2.66 -3.52
N PHE B 53 17.15 -3.40 -4.14
CA PHE B 53 17.69 -4.59 -3.50
C PHE B 53 18.52 -4.27 -2.26
N LEU B 54 19.21 -3.15 -2.25
CA LEU B 54 19.93 -2.66 -1.08
C LEU B 54 19.00 -2.48 0.11
N ALA B 55 17.86 -1.82 -0.12
CA ALA B 55 16.87 -1.66 0.92
C ALA B 55 16.39 -3.02 1.44
N ALA B 56 16.18 -3.96 0.54
CA ALA B 56 15.81 -5.31 0.96
C ALA B 56 16.91 -5.94 1.79
N ALA B 57 18.19 -5.78 1.41
CA ALA B 57 19.28 -6.34 2.20
C ALA B 57 19.31 -5.77 3.60
N VAL B 58 19.01 -4.47 3.73
CA VAL B 58 18.97 -3.79 5.03
C VAL B 58 17.88 -4.40 5.91
N LEU B 59 16.70 -4.58 5.31
CA LEU B 59 15.60 -5.21 6.02
C LEU B 59 15.93 -6.62 6.46
N SER B 60 16.59 -7.39 5.59
CA SER B 60 16.97 -8.76 5.97
C SER B 60 17.89 -8.74 7.16
N LYS B 61 18.87 -7.84 7.13
CA LYS B 61 19.83 -7.75 8.24
C LYS B 61 19.11 -7.44 9.54
N SER B 62 18.11 -6.60 9.41
CA SER B 62 17.37 -6.10 10.58
C SER B 62 16.66 -7.25 11.28
N GLN B 63 16.39 -8.30 10.53
CA GLN B 63 15.71 -9.46 11.14
C GLN B 63 16.56 -10.16 12.17
N GLN B 64 17.87 -9.94 12.12
CA GLN B 64 18.63 -10.62 13.19
CA GLN B 64 18.80 -10.58 13.03
C GLN B 64 19.33 -9.58 14.05
N GLN B 65 18.84 -8.33 14.01
CA GLN B 65 19.42 -7.26 14.83
C GLN B 65 18.34 -6.27 15.24
N GLU B 66 17.72 -6.53 16.41
CA GLU B 66 16.60 -5.69 16.79
C GLU B 66 17.14 -4.26 16.95
N GLY B 67 16.28 -3.36 16.50
CA GLY B 67 16.54 -1.95 16.55
C GLY B 67 17.30 -1.45 15.35
N LEU B 68 17.68 -2.31 14.40
CA LEU B 68 18.58 -1.76 13.36
C LEU B 68 17.97 -0.62 12.57
N LEU B 69 16.72 -0.73 12.15
CA LEU B 69 16.13 0.32 11.30
C LEU B 69 16.05 1.65 11.99
N ASN B 70 15.95 1.68 13.32
CA ASN B 70 15.88 2.98 13.98
C ASN B 70 17.24 3.50 14.44
N GLN B 71 18.36 2.84 14.21
CA GLN B 71 19.69 3.34 14.55
C GLN B 71 20.00 4.60 13.74
N ARG B 72 20.49 5.63 14.38
CA ARG B 72 20.85 6.86 13.70
C ARG B 72 22.31 6.75 13.25
N ILE B 73 22.50 7.07 11.98
CA ILE B 73 23.81 7.23 11.38
C ILE B 73 24.13 8.73 11.24
N ARG B 74 25.24 9.16 11.85
CA ARG B 74 25.60 10.58 11.73
CA ARG B 74 25.65 10.56 11.78
C ARG B 74 26.78 10.64 10.76
N TYR B 75 26.84 11.67 9.97
CA TYR B 75 27.87 11.74 8.90
C TYR B 75 28.20 13.22 8.70
N ASP B 76 28.26 13.93 9.82
CA ASP B 76 28.35 15.36 9.95
C ASP B 76 29.42 15.98 9.08
N ASN B 77 30.59 15.35 8.97
CA ASN B 77 31.56 16.17 8.19
C ASN B 77 31.82 15.54 6.84
N ARG B 78 30.91 14.68 6.43
CA ARG B 78 31.15 13.91 5.22
C ARG B 78 30.82 14.73 3.98
N VAL B 79 31.69 14.62 3.00
CA VAL B 79 31.42 15.25 1.70
C VAL B 79 30.58 14.25 0.93
N MET B 80 29.50 14.70 0.36
CA MET B 80 28.46 13.85 -0.20
C MET B 80 28.60 13.72 -1.70
N GLU B 81 28.28 12.56 -2.24
CA GLU B 81 28.28 12.30 -3.66
C GLU B 81 27.23 13.09 -4.40
N PRO B 82 27.48 13.33 -5.68
CA PRO B 82 26.41 13.90 -6.50
C PRO B 82 25.14 13.07 -6.41
N HIS B 83 24.01 13.75 -6.51
CA HIS B 83 22.67 13.21 -6.43
C HIS B 83 22.49 12.57 -5.07
N SER B 84 22.62 13.38 -4.02
CA SER B 84 22.33 13.06 -2.64
C SER B 84 21.34 14.05 -2.04
N PRO B 85 20.15 14.19 -2.63
CA PRO B 85 19.22 15.26 -2.22
C PRO B 85 18.76 15.13 -0.77
N VAL B 86 18.51 13.91 -0.30
CA VAL B 86 18.02 13.76 1.08
C VAL B 86 19.14 13.81 2.10
N THR B 87 20.20 13.05 1.84
CA THR B 87 21.29 13.03 2.79
C THR B 87 21.95 14.40 2.92
N GLU B 88 22.01 15.20 1.85
CA GLU B 88 22.54 16.57 2.02
C GLU B 88 21.65 17.41 2.95
N LYS B 89 20.33 17.24 2.81
CA LYS B 89 19.38 18.01 3.59
C LYS B 89 19.49 17.67 5.05
N GLN B 90 19.84 16.42 5.35
CA GLN B 90 19.82 15.98 6.74
C GLN B 90 21.19 15.80 7.37
N ILE B 91 22.21 16.34 6.71
CA ILE B 91 23.56 16.10 7.20
C ILE B 91 23.80 16.63 8.61
N THR B 92 23.10 17.68 9.07
CA THR B 92 23.33 18.17 10.43
C THR B 92 22.69 17.29 11.48
N THR B 93 21.68 16.54 11.14
CA THR B 93 20.97 15.73 12.08
C THR B 93 21.27 14.24 12.03
N GLY B 94 21.90 13.80 10.95
CA GLY B 94 21.94 12.38 10.69
C GLY B 94 20.59 11.83 10.24
N MET B 95 20.61 10.53 9.94
CA MET B 95 19.44 9.82 9.45
C MET B 95 19.42 8.42 10.05
N THR B 96 18.23 7.91 10.33
CA THR B 96 18.14 6.52 10.71
C THR B 96 18.36 5.64 9.50
N VAL B 97 18.64 4.38 9.83
CA VAL B 97 18.81 3.35 8.80
C VAL B 97 17.57 3.26 7.96
N ALA B 98 16.38 3.30 8.51
CA ALA B 98 15.17 3.28 7.69
C ALA B 98 15.06 4.49 6.79
N GLU B 99 15.40 5.65 7.37
CA GLU B 99 15.34 6.84 6.54
C GLU B 99 16.31 6.81 5.37
N LEU B 100 17.53 6.30 5.60
CA LEU B 100 18.48 6.12 4.52
C LEU B 100 17.99 5.15 3.47
N SER B 101 17.34 4.09 3.87
CA SER B 101 16.82 3.09 2.95
C SER B 101 15.71 3.69 2.10
N ALA B 102 14.79 4.41 2.75
CA ALA B 102 13.71 5.06 2.01
C ALA B 102 14.26 6.09 1.03
N ALA B 103 15.25 6.86 1.43
CA ALA B 103 15.84 7.85 0.56
C ALA B 103 16.56 7.24 -0.64
N THR B 104 17.37 6.19 -0.38
CA THR B 104 18.09 5.60 -1.51
C THR B 104 17.13 4.94 -2.49
N LEU B 105 16.04 4.33 -2.01
CA LEU B 105 15.08 3.79 -2.96
C LEU B 105 14.23 4.88 -3.61
N GLN B 106 13.57 5.73 -2.82
CA GLN B 106 12.52 6.61 -3.36
C GLN B 106 13.05 7.88 -4.03
N TYR B 107 14.26 8.31 -3.68
CA TYR B 107 14.89 9.45 -4.30
C TYR B 107 16.19 9.09 -5.01
N SER B 108 16.58 7.83 -5.00
CA SER B 108 17.81 7.37 -5.63
C SER B 108 19.06 7.99 -5.02
N ASP B 109 18.99 8.30 -3.74
CA ASP B 109 20.04 9.04 -3.06
C ASP B 109 21.35 8.26 -3.04
N ASN B 110 22.40 8.83 -3.64
CA ASN B 110 23.67 8.15 -3.73
C ASN B 110 24.43 8.12 -2.41
N GLY B 111 24.46 9.22 -1.70
CA GLY B 111 25.04 9.27 -0.35
C GLY B 111 24.46 8.20 0.55
N ALA B 112 23.13 8.04 0.49
CA ALA B 112 22.47 7.03 1.30
C ALA B 112 22.89 5.61 0.92
N ALA B 113 22.99 5.37 -0.40
CA ALA B 113 23.45 4.06 -0.84
C ALA B 113 24.86 3.79 -0.34
N ASN B 114 25.78 4.71 -0.51
CA ASN B 114 27.17 4.45 -0.09
C ASN B 114 27.27 4.34 1.42
N LEU B 115 26.49 5.09 2.20
CA LEU B 115 26.51 4.96 3.63
C LEU B 115 26.03 3.59 4.06
N LEU B 116 24.98 3.07 3.41
CA LEU B 116 24.46 1.77 3.79
C LEU B 116 25.42 0.68 3.37
N LEU B 117 26.02 0.83 2.20
CA LEU B 117 27.00 -0.16 1.78
C LEU B 117 28.18 -0.21 2.75
N GLU B 118 28.60 0.96 3.20
CA GLU B 118 29.73 1.04 4.12
C GLU B 118 29.37 0.52 5.51
N LYS B 119 28.26 0.97 6.07
CA LYS B 119 28.01 0.74 7.50
C LYS B 119 27.21 -0.52 7.82
N LEU B 120 26.47 -1.08 6.87
CA LEU B 120 25.62 -2.21 7.18
C LEU B 120 25.84 -3.40 6.27
N ILE B 121 25.99 -3.21 4.97
CA ILE B 121 25.82 -4.32 4.03
C ILE B 121 27.13 -4.91 3.54
N GLY B 122 28.29 -4.32 3.85
CA GLY B 122 29.54 -5.00 3.50
C GLY B 122 29.97 -4.71 2.08
N GLY B 123 29.63 -3.53 1.59
CA GLY B 123 30.06 -3.07 0.30
C GLY B 123 29.39 -3.80 -0.85
N PRO B 124 29.84 -3.54 -2.10
CA PRO B 124 29.30 -4.26 -3.25
C PRO B 124 29.37 -5.78 -3.06
N GLU B 125 30.45 -6.25 -2.41
CA GLU B 125 30.60 -7.69 -2.17
CA GLU B 125 30.58 -7.70 -2.23
C GLU B 125 29.49 -8.23 -1.29
N GLY B 126 29.14 -7.50 -0.24
CA GLY B 126 28.06 -7.83 0.67
C GLY B 126 26.71 -7.73 0.03
N MET B 127 26.54 -6.69 -0.79
CA MET B 127 25.31 -6.61 -1.58
C MET B 127 25.10 -7.84 -2.45
N THR B 128 26.14 -8.25 -3.14
CA THR B 128 26.13 -9.42 -4.01
C THR B 128 25.87 -10.67 -3.19
N SER B 129 26.52 -10.81 -2.06
CA SER B 129 26.29 -11.97 -1.20
CA SER B 129 26.29 -11.95 -1.17
C SER B 129 24.83 -12.06 -0.75
N PHE B 130 24.22 -10.91 -0.44
CA PHE B 130 22.81 -10.98 -0.10
C PHE B 130 21.99 -11.59 -1.22
N MET B 131 22.27 -11.12 -2.45
CA MET B 131 21.47 -11.63 -3.58
C MET B 131 21.75 -13.11 -3.79
N ARG B 132 23.00 -13.53 -3.65
CA ARG B 132 23.31 -14.94 -3.72
C ARG B 132 22.52 -15.71 -2.69
N SER B 133 22.32 -15.10 -1.50
CA SER B 133 21.65 -15.83 -0.40
C SER B 133 20.18 -16.05 -0.67
N ILE B 134 19.59 -15.32 -1.61
CA ILE B 134 18.19 -15.54 -1.98
C ILE B 134 18.06 -16.38 -3.26
N GLY B 135 19.17 -16.93 -3.73
CA GLY B 135 19.18 -17.75 -4.92
C GLY B 135 19.41 -17.01 -6.23
N ASP B 136 19.83 -15.75 -6.20
CA ASP B 136 20.14 -14.99 -7.40
C ASP B 136 21.65 -15.13 -7.64
N ASN B 137 21.94 -15.94 -8.67
CA ASN B 137 23.30 -16.20 -9.04
C ASN B 137 23.76 -15.37 -10.24
N VAL B 138 22.99 -14.43 -10.64
CA VAL B 138 23.27 -13.57 -11.80
C VAL B 138 23.69 -12.18 -11.40
N PHE B 139 22.93 -11.58 -10.46
CA PHE B 139 23.22 -10.23 -9.98
C PHE B 139 24.69 -10.08 -9.62
N ARG B 140 25.27 -8.93 -10.00
CA ARG B 140 26.56 -8.62 -9.39
C ARG B 140 26.70 -7.13 -9.21
N LEU B 141 27.09 -6.73 -7.99
CA LEU B 141 27.48 -5.33 -7.72
C LEU B 141 29.00 -5.41 -7.36
N ASP B 142 29.72 -4.56 -8.08
CA ASP B 142 31.17 -4.58 -8.06
C ASP B 142 31.80 -3.30 -7.51
N ARG B 143 31.15 -2.17 -7.80
CA ARG B 143 31.63 -0.85 -7.49
C ARG B 143 30.61 -0.10 -6.66
N TRP B 144 31.07 1.04 -6.17
CA TRP B 144 30.26 1.95 -5.37
C TRP B 144 29.68 3.05 -6.24
N GLU B 145 28.77 3.87 -5.71
CA GLU B 145 28.34 5.03 -6.45
C GLU B 145 29.43 6.10 -6.54
N LEU B 146 29.67 6.76 -7.66
CA LEU B 146 28.99 6.69 -8.94
C LEU B 146 29.73 5.90 -10.00
N GLU B 147 30.81 5.22 -9.69
CA GLU B 147 31.62 4.54 -10.71
CA GLU B 147 31.64 4.49 -10.64
C GLU B 147 30.82 3.39 -11.31
N LEU B 148 29.89 2.82 -10.54
CA LEU B 148 29.05 1.73 -11.08
C LEU B 148 28.19 2.10 -12.29
N ASN B 149 28.08 3.39 -12.62
CA ASN B 149 27.27 3.83 -13.74
C ASN B 149 27.99 3.78 -15.07
N SER B 150 29.20 3.31 -15.22
CA SER B 150 29.96 3.48 -16.46
C SER B 150 29.32 2.78 -17.64
N ALA B 151 28.60 1.68 -17.41
CA ALA B 151 27.72 1.09 -18.44
C ALA B 151 28.43 0.77 -19.74
N ILE B 152 29.71 0.38 -19.65
CA ILE B 152 30.51 0.08 -20.85
C ILE B 152 30.03 -1.19 -21.50
N PRO B 153 29.75 -1.19 -22.80
CA PRO B 153 29.27 -2.39 -23.47
C PRO B 153 30.13 -3.63 -23.19
N GLY B 154 29.49 -4.72 -22.83
CA GLY B 154 30.11 -6.00 -22.59
C GLY B 154 30.81 -6.12 -21.27
N ASP B 155 30.78 -5.09 -20.46
CA ASP B 155 31.40 -5.13 -19.13
C ASP B 155 30.37 -5.69 -18.16
N ASP B 156 30.70 -6.82 -17.54
CA ASP B 156 29.68 -7.42 -16.68
C ASP B 156 29.64 -6.85 -15.26
N ARG B 157 30.54 -5.93 -14.93
CA ARG B 157 30.46 -5.31 -13.62
C ARG B 157 29.13 -4.60 -13.42
N ASP B 158 28.53 -4.72 -12.21
CA ASP B 158 27.38 -3.92 -11.85
C ASP B 158 26.23 -4.17 -12.83
N THR B 159 26.01 -5.43 -13.13
CA THR B 159 25.01 -5.85 -14.07
C THR B 159 24.12 -6.96 -13.49
N SER B 160 22.94 -7.11 -14.09
CA SER B 160 22.13 -8.29 -13.91
C SER B 160 21.38 -8.53 -15.22
N THR B 161 20.43 -9.44 -15.22
CA THR B 161 19.59 -9.68 -16.40
C THR B 161 18.15 -9.32 -16.06
N PRO B 162 17.30 -8.98 -17.01
CA PRO B 162 15.89 -8.71 -16.70
C PRO B 162 15.24 -9.86 -15.99
N LYS B 163 15.57 -11.08 -16.40
CA LYS B 163 14.95 -12.24 -15.76
C LYS B 163 15.30 -12.35 -14.30
N ALA B 164 16.59 -12.19 -14.02
CA ALA B 164 17.02 -12.30 -12.62
C ALA B 164 16.48 -11.18 -11.75
N VAL B 165 16.43 -9.94 -12.31
CA VAL B 165 15.86 -8.81 -11.56
C VAL B 165 14.40 -9.09 -11.22
N ALA B 166 13.64 -9.55 -12.21
CA ALA B 166 12.22 -9.83 -11.97
C ALA B 166 12.04 -10.99 -10.99
N GLU B 167 12.85 -12.03 -11.17
CA GLU B 167 12.74 -13.19 -10.30
C GLU B 167 13.11 -12.83 -8.87
N SER B 168 14.12 -12.00 -8.67
CA SER B 168 14.46 -11.56 -7.32
C SER B 168 13.40 -10.63 -6.71
N MET B 169 12.84 -9.74 -7.53
CA MET B 169 11.73 -8.91 -7.03
C MET B 169 10.57 -9.80 -6.61
N GLN B 170 10.25 -10.85 -7.39
CA GLN B 170 9.18 -11.76 -7.00
C GLN B 170 9.47 -12.46 -5.68
N LYS B 171 10.69 -12.92 -5.48
CA LYS B 171 11.08 -13.59 -4.23
C LYS B 171 10.93 -12.64 -3.04
N LEU B 172 11.36 -11.39 -3.25
CA LEU B 172 11.28 -10.48 -2.11
C LEU B 172 9.86 -10.03 -1.78
N ALA B 173 9.04 -9.84 -2.80
CA ALA B 173 7.69 -9.40 -2.63
C ALA B 173 6.77 -10.52 -2.17
N PHE B 174 6.97 -11.75 -2.63
CA PHE B 174 6.01 -12.82 -2.46
C PHE B 174 6.59 -14.05 -1.77
N GLY B 175 7.91 -14.20 -1.70
CA GLY B 175 8.53 -15.33 -1.02
C GLY B 175 8.83 -15.01 0.43
N ASN B 176 9.62 -15.91 1.01
CA ASN B 176 9.87 -15.85 2.44
C ASN B 176 11.23 -15.27 2.75
N VAL B 177 11.85 -14.48 1.88
CA VAL B 177 13.11 -13.85 2.25
C VAL B 177 12.93 -12.96 3.47
N LEU B 178 11.83 -12.20 3.43
CA LEU B 178 11.52 -11.24 4.46
C LEU B 178 10.30 -11.65 5.26
N GLY B 179 10.33 -11.30 6.55
CA GLY B 179 9.13 -11.52 7.36
C GLY B 179 8.04 -10.60 6.89
N LEU B 180 6.83 -10.84 7.42
CA LEU B 180 5.66 -10.08 6.97
C LEU B 180 5.78 -8.58 7.15
N THR B 181 6.25 -8.14 8.32
CA THR B 181 6.35 -6.72 8.55
C THR B 181 7.42 -6.11 7.65
N GLU B 182 8.55 -6.79 7.51
CA GLU B 182 9.65 -6.33 6.67
C GLU B 182 9.26 -6.30 5.19
N ARG B 183 8.57 -7.30 4.70
CA ARG B 183 8.11 -7.36 3.31
C ARG B 183 7.16 -6.23 3.01
N HIS B 184 6.24 -5.94 3.93
CA HIS B 184 5.31 -4.82 3.80
CA HIS B 184 5.33 -4.83 3.65
C HIS B 184 6.08 -3.51 3.72
N GLN B 185 7.08 -3.39 4.57
CA GLN B 185 7.90 -2.18 4.56
C GLN B 185 8.61 -1.99 3.23
N LEU B 186 9.23 -3.03 2.71
CA LEU B 186 9.93 -2.95 1.43
C LEU B 186 8.95 -2.49 0.35
N MET B 187 7.80 -3.16 0.29
CA MET B 187 6.88 -2.85 -0.80
C MET B 187 6.30 -1.45 -0.63
N ASP B 188 6.11 -0.97 0.59
CA ASP B 188 5.65 0.41 0.77
CA ASP B 188 5.63 0.41 0.75
C ASP B 188 6.71 1.35 0.23
N TRP B 189 7.97 1.03 0.48
CA TRP B 189 9.02 1.91 -0.06
C TRP B 189 8.98 1.94 -1.57
N PHE B 190 8.86 0.77 -2.23
CA PHE B 190 8.75 0.76 -3.70
C PHE B 190 7.52 1.52 -4.18
N LYS B 191 6.40 1.41 -3.49
CA LYS B 191 5.19 2.11 -3.89
C LYS B 191 5.35 3.63 -3.87
N GLY B 192 6.12 4.15 -2.91
CA GLY B 192 6.37 5.55 -2.77
C GLY B 192 7.53 6.09 -3.57
N ASN B 193 8.08 5.28 -4.46
CA ASN B 193 9.15 5.77 -5.33
C ASN B 193 8.70 7.03 -6.07
N THR B 194 9.61 8.01 -6.16
CA THR B 194 9.23 9.29 -6.78
C THR B 194 9.77 9.51 -8.19
N THR B 195 10.61 8.60 -8.67
CA THR B 195 11.30 8.84 -9.92
C THR B 195 10.78 8.03 -11.10
N GLY B 196 9.73 7.26 -10.96
CA GLY B 196 9.30 6.39 -12.04
C GLY B 196 8.07 6.81 -12.81
N GLY B 197 7.57 8.02 -12.71
CA GLY B 197 6.35 8.44 -13.37
C GLY B 197 6.30 8.36 -14.88
N ALA B 198 7.46 8.38 -15.52
CA ALA B 198 7.51 8.36 -16.99
C ALA B 198 7.93 7.00 -17.53
N ARG B 199 8.02 5.99 -16.69
CA ARG B 199 8.53 4.67 -17.06
C ARG B 199 7.43 3.64 -16.84
N ILE B 200 7.58 2.57 -16.10
CA ILE B 200 6.52 1.53 -16.02
C ILE B 200 5.19 2.09 -15.58
N ARG B 201 5.20 3.02 -14.63
CA ARG B 201 3.93 3.63 -14.20
C ARG B 201 3.13 4.31 -15.30
N ALA B 202 3.85 4.79 -16.32
CA ALA B 202 3.14 5.45 -17.42
C ALA B 202 2.40 4.49 -18.31
N SER B 203 2.65 3.20 -18.13
CA SER B 203 2.00 2.24 -19.02
C SER B 203 0.74 1.61 -18.46
N VAL B 204 0.36 1.95 -17.23
CA VAL B 204 -0.84 1.40 -16.65
C VAL B 204 -1.79 2.47 -16.13
N PRO B 205 -3.07 2.11 -15.94
CA PRO B 205 -4.03 3.08 -15.39
C PRO B 205 -3.56 3.67 -14.08
N ALA B 206 -3.89 4.95 -13.91
CA ALA B 206 -3.46 5.67 -12.72
C ALA B 206 -3.99 5.03 -11.44
N ASN B 207 -5.10 4.32 -11.42
CA ASN B 207 -5.63 3.76 -10.18
C ASN B 207 -5.03 2.40 -9.83
N TRP B 208 -4.13 1.82 -10.61
CA TRP B 208 -3.46 0.60 -10.16
C TRP B 208 -2.32 0.90 -9.20
N VAL B 209 -2.01 -0.05 -8.33
CA VAL B 209 -0.91 0.23 -7.41
C VAL B 209 0.36 -0.29 -8.05
N VAL B 210 1.42 0.52 -8.04
CA VAL B 210 2.71 0.15 -8.58
C VAL B 210 3.84 0.49 -7.59
N GLY B 211 4.75 -0.46 -7.43
CA GLY B 211 5.98 -0.26 -6.65
C GLY B 211 7.13 -0.42 -7.64
N ASP B 212 8.06 0.52 -7.72
CA ASP B 212 9.15 0.41 -8.69
C ASP B 212 10.44 1.03 -8.19
N LYS B 213 11.53 0.70 -8.90
CA LYS B 213 12.78 1.40 -8.77
C LYS B 213 13.44 1.56 -10.15
N THR B 214 13.80 2.80 -10.44
CA THR B 214 14.47 3.19 -11.67
C THR B 214 15.97 3.12 -11.57
N GLY B 215 16.57 3.07 -12.75
CA GLY B 215 18.02 3.25 -12.89
C GLY B 215 18.33 4.09 -14.10
N THR B 216 19.26 5.01 -13.98
CA THR B 216 19.68 5.86 -15.10
C THR B 216 21.19 6.02 -14.98
N CYS B 217 21.96 5.43 -15.91
CA CYS B 217 23.42 5.53 -15.79
C CYS B 217 24.02 6.84 -16.27
N GLY B 218 23.34 7.55 -17.19
CA GLY B 218 23.83 8.79 -17.73
C GLY B 218 24.78 8.70 -18.91
N VAL B 219 25.01 7.49 -19.38
CA VAL B 219 25.86 7.21 -20.53
C VAL B 219 25.29 5.96 -21.23
N TYR B 220 25.73 5.78 -22.46
CA TYR B 220 25.44 4.57 -23.24
C TYR B 220 23.92 4.29 -23.33
N GLY B 221 23.11 5.33 -23.41
CA GLY B 221 21.67 5.19 -23.48
C GLY B 221 21.08 4.20 -22.52
N THR B 222 21.69 4.11 -21.34
CA THR B 222 21.40 3.04 -20.39
C THR B 222 20.51 3.51 -19.24
N ALA B 223 19.33 2.90 -19.17
CA ALA B 223 18.32 3.21 -18.17
C ALA B 223 17.37 2.01 -18.06
N ASN B 224 16.66 1.96 -16.93
CA ASN B 224 15.84 0.80 -16.62
C ASN B 224 14.80 1.11 -15.58
N ASP B 225 13.93 0.14 -15.34
CA ASP B 225 12.92 0.21 -14.28
C ASP B 225 12.46 -1.22 -13.99
N TYR B 226 12.18 -1.52 -12.73
CA TYR B 226 11.51 -2.78 -12.41
C TYR B 226 10.45 -2.50 -11.37
N ALA B 227 9.44 -3.37 -11.36
CA ALA B 227 8.23 -3.10 -10.58
C ALA B 227 7.44 -4.34 -10.25
N VAL B 228 6.63 -4.16 -9.20
CA VAL B 228 5.46 -4.99 -8.99
C VAL B 228 4.25 -4.10 -9.27
N ILE B 229 3.35 -4.62 -10.09
CA ILE B 229 2.11 -3.97 -10.45
C ILE B 229 0.92 -4.76 -9.95
N TRP B 230 0.03 -4.09 -9.25
CA TRP B 230 -1.20 -4.69 -8.75
C TRP B 230 -2.38 -4.12 -9.54
N PRO B 231 -2.77 -4.85 -10.59
CA PRO B 231 -3.91 -4.36 -11.35
C PRO B 231 -5.20 -4.55 -10.57
N VAL B 232 -6.21 -3.80 -10.97
CA VAL B 232 -7.54 -4.17 -10.51
C VAL B 232 -7.97 -5.54 -11.03
N ALA B 233 -8.48 -6.38 -10.15
CA ALA B 233 -9.08 -7.65 -10.44
C ALA B 233 -8.18 -8.63 -11.16
N HIS B 234 -6.88 -8.62 -10.86
CA HIS B 234 -5.91 -9.53 -11.49
C HIS B 234 -4.78 -9.77 -10.50
N ALA B 235 -4.08 -10.89 -10.52
CA ALA B 235 -2.91 -11.12 -9.70
C ALA B 235 -1.82 -10.13 -10.03
N PRO B 236 -0.93 -9.86 -9.08
CA PRO B 236 0.19 -8.98 -9.38
C PRO B 236 1.10 -9.52 -10.47
N ILE B 237 1.66 -8.53 -11.19
CA ILE B 237 2.63 -8.75 -12.26
C ILE B 237 3.98 -8.20 -11.82
N VAL B 238 5.03 -8.96 -12.05
CA VAL B 238 6.38 -8.48 -11.82
C VAL B 238 7.00 -8.21 -13.22
N LEU B 239 7.58 -7.02 -13.38
CA LEU B 239 8.12 -6.59 -14.64
C LEU B 239 9.49 -5.93 -14.49
N ALA B 240 10.45 -6.27 -15.35
CA ALA B 240 11.75 -5.63 -15.45
C ALA B 240 12.00 -5.19 -16.92
N VAL B 241 12.37 -3.93 -17.13
CA VAL B 241 12.68 -3.34 -18.43
C VAL B 241 14.04 -2.61 -18.36
N TYR B 242 15.02 -3.10 -19.12
CA TYR B 242 16.41 -2.64 -19.14
C TYR B 242 16.77 -2.19 -20.56
N THR B 243 17.52 -1.09 -20.71
CA THR B 243 17.92 -0.63 -22.01
C THR B 243 19.41 -0.23 -22.03
N SER B 244 19.98 -0.25 -23.24
CA SER B 244 21.30 0.24 -23.54
C SER B 244 21.41 0.64 -25.01
N LYS B 245 22.43 1.44 -25.30
CA LYS B 245 22.76 1.85 -26.66
C LYS B 245 24.26 1.76 -26.84
N PRO B 246 24.77 1.59 -28.05
CA PRO B 246 26.19 1.34 -28.24
C PRO B 246 27.12 2.54 -28.10
N ASP B 247 26.66 3.77 -28.16
CA ASP B 247 27.58 4.90 -28.08
C ASP B 247 27.56 5.57 -26.71
N ARG B 248 28.71 5.99 -26.20
CA ARG B 248 28.78 6.57 -24.87
CA ARG B 248 28.83 6.62 -24.91
C ARG B 248 27.87 7.78 -24.67
N ASN B 249 27.73 8.66 -25.65
CA ASN B 249 26.98 9.89 -25.51
C ASN B 249 25.51 9.74 -25.82
N SER B 250 25.05 8.55 -26.20
CA SER B 250 23.65 8.42 -26.54
C SER B 250 22.78 8.56 -25.30
N LYS B 251 21.67 9.28 -25.42
CA LYS B 251 20.75 9.49 -24.32
C LYS B 251 19.84 8.28 -24.16
N HIS B 252 19.42 7.95 -22.96
CA HIS B 252 18.35 7.00 -22.76
C HIS B 252 17.01 7.61 -23.16
N SER B 253 15.96 6.81 -23.03
CA SER B 253 14.61 7.22 -23.34
C SER B 253 13.61 6.67 -22.31
N ASP B 254 12.95 7.59 -21.61
CA ASP B 254 11.87 7.18 -20.72
C ASP B 254 10.72 6.53 -21.49
N ALA B 255 10.38 7.15 -22.63
CA ALA B 255 9.22 6.67 -23.39
C ALA B 255 9.43 5.26 -23.90
N VAL B 256 10.68 4.90 -24.23
CA VAL B 256 10.94 3.55 -24.74
C VAL B 256 10.65 2.53 -23.66
N ILE B 257 11.03 2.89 -22.44
CA ILE B 257 10.74 1.98 -21.30
C ILE B 257 9.26 1.85 -21.07
N ALA B 258 8.52 2.95 -21.05
CA ALA B 258 7.07 2.91 -20.92
C ALA B 258 6.43 2.09 -22.04
N ASP B 259 6.89 2.35 -23.26
CA ASP B 259 6.29 1.64 -24.40
C ASP B 259 6.62 0.14 -24.38
N ALA B 260 7.84 -0.25 -24.03
CA ALA B 260 8.16 -1.67 -23.90
C ALA B 260 7.25 -2.29 -22.83
N SER B 261 7.07 -1.58 -21.71
CA SER B 261 6.21 -2.08 -20.64
CA SER B 261 6.21 -2.05 -20.65
C SER B 261 4.80 -2.30 -21.18
N ARG B 262 4.27 -1.35 -21.92
CA ARG B 262 2.90 -1.48 -22.43
CA ARG B 262 2.88 -1.47 -22.43
C ARG B 262 2.75 -2.66 -23.38
N ILE B 263 3.69 -2.81 -24.28
CA ILE B 263 3.65 -3.93 -25.21
C ILE B 263 3.59 -5.29 -24.51
N VAL B 264 4.47 -5.43 -23.51
CA VAL B 264 4.51 -6.68 -22.81
C VAL B 264 3.32 -6.93 -21.92
N LEU B 265 2.85 -5.88 -21.23
CA LEU B 265 1.63 -6.09 -20.45
C LEU B 265 0.39 -6.42 -21.27
N GLU B 266 0.34 -5.95 -22.51
CA GLU B 266 -0.82 -6.21 -23.34
C GLU B 266 -0.83 -7.67 -23.69
N SER B 267 0.27 -8.38 -23.53
CA SER B 267 0.30 -9.82 -23.84
C SER B 267 -0.25 -10.69 -22.70
N PHE B 268 -0.53 -10.13 -21.54
CA PHE B 268 -1.02 -10.93 -20.41
C PHE B 268 -2.50 -11.02 -20.19
N ASN B 269 -3.32 -10.42 -21.02
CA ASN B 269 -4.76 -10.66 -20.81
CA ASN B 269 -4.79 -10.42 -20.89
C ASN B 269 -5.27 -10.10 -19.46
N ILE B 270 -4.87 -8.91 -19.07
CA ILE B 270 -5.37 -8.26 -17.87
C ILE B 270 -6.60 -7.45 -18.25
N ASP B 271 -7.78 -7.89 -17.81
CA ASP B 271 -9.00 -7.32 -18.38
C ASP B 271 -9.17 -5.85 -18.05
N ALA B 272 -8.63 -5.41 -16.91
CA ALA B 272 -8.73 -3.98 -16.60
C ALA B 272 -7.69 -3.12 -17.33
N LEU B 273 -6.75 -3.75 -18.07
CA LEU B 273 -5.68 -3.01 -18.70
C LEU B 273 -6.30 -2.20 -19.85
N ARG B 274 -6.28 -0.90 -19.69
CA ARG B 274 -6.78 0.01 -20.71
CA ARG B 274 -6.78 0.01 -20.72
C ARG B 274 -6.28 1.43 -20.43
#